data_2H4P
#
_entry.id   2H4P
#
_cell.length_a   46.486
_cell.length_b   47.526
_cell.length_c   57.794
_cell.angle_alpha   96.89
_cell.angle_beta   93.81
_cell.angle_gamma   116.65
#
_symmetry.space_group_name_H-M   'P 1'
#
loop_
_entity.id
_entity.type
_entity.pdbx_description
1 polymer 'Heterochromatin-associated protein MENT'
2 polymer 'Heterochromatin-associated protein MENT'
3 water water
#
loop_
_entity_poly.entity_id
_entity_poly.type
_entity_poly.pdbx_seq_one_letter_code
_entity_poly.pdbx_strand_id
1 'polypeptide(L)'
;MGSSHHHHHHSSGLVPRGSHELEISMEQVSASIGNFTVDLFNKLNETNRDKNIFFSPWSISSALALTYLAAKGSTAREMA
EVLHFTEAVRAESSSVARPSRGRPKRRRMDPEHEQAENIHSGFKELLTAFNKPRNNYSLRSANRIYVEKTYALLPTYLQL
SKKYYKAEPQKVNFKTAPEQSRKEINTWVEKQTESKIKNLLSSDDVKATTRLILVNAIYFKAEWEVKFQAEKTSIQPFRL
SKNKSKPVKMMYMRDTFPVLIMEKMNFKMIELPYVKRELSMFILLPDDIKDGTTGLEQLERELTYERLSEWADSKMMTET
LVDLHLPKFSLEDRIDLRDTLRNMGMTTAFTTNADFRGMTDKKDLAISKVIHQSFVAVDEKGTEAAAATAVIIS
;
A
2 'polypeptide(L)' HVLKFKVDHPFHFFIRHNKSKTILFFGRFCCPVE B
#
# COMPACT_ATOMS: atom_id res chain seq x y z
N GLU A 21 -2.82 25.88 -2.23
CA GLU A 21 -4.00 25.06 -2.65
C GLU A 21 -3.58 23.63 -2.96
N LEU A 22 -2.59 23.48 -3.82
CA LEU A 22 -2.08 22.16 -4.22
C LEU A 22 -1.41 21.45 -3.05
N GLU A 23 -0.70 22.21 -2.23
CA GLU A 23 -0.05 21.66 -1.03
C GLU A 23 -1.08 21.06 -0.07
N ILE A 24 -2.19 21.77 0.11
CA ILE A 24 -3.28 21.31 0.98
C ILE A 24 -3.93 20.04 0.40
N SER A 25 -4.13 20.02 -0.92
CA SER A 25 -4.68 18.86 -1.61
C SER A 25 -3.84 17.61 -1.38
N MET A 26 -2.52 17.75 -1.49
CA MET A 26 -1.59 16.64 -1.26
C MET A 26 -1.67 16.14 0.18
N GLU A 27 -1.74 17.06 1.13
CA GLU A 27 -1.86 16.71 2.55
C GLU A 27 -3.16 15.95 2.84
N GLN A 28 -4.24 16.34 2.17
CA GLN A 28 -5.54 15.71 2.34
C GLN A 28 -5.55 14.27 1.82
N VAL A 29 -4.92 14.04 0.67
CA VAL A 29 -4.83 12.70 0.09
C VAL A 29 -3.92 11.81 0.93
N SER A 30 -2.76 12.34 1.31
CA SER A 30 -1.84 11.61 2.19
C SER A 30 -2.51 11.20 3.49
N ALA A 31 -3.29 12.12 4.07
CA ALA A 31 -4.05 11.84 5.28
C ALA A 31 -5.13 10.77 5.05
N SER A 32 -5.82 10.87 3.91
CA SER A 32 -6.85 9.89 3.55
C SER A 32 -6.25 8.49 3.42
N ILE A 33 -5.08 8.41 2.77
CA ILE A 33 -4.37 7.15 2.60
C ILE A 33 -3.93 6.56 3.92
N GLY A 34 -3.43 7.41 4.82
CA GLY A 34 -3.05 6.99 6.17
C GLY A 34 -4.23 6.41 6.95
N ASN A 35 -5.36 7.10 6.91
CA ASN A 35 -6.57 6.63 7.57
C ASN A 35 -7.05 5.30 6.96
N PHE A 36 -7.04 5.23 5.63
CA PHE A 36 -7.41 4.00 4.92
C PHE A 36 -6.48 2.84 5.28
N THR A 37 -5.19 3.11 5.39
CA THR A 37 -4.19 2.10 5.73
C THR A 37 -4.56 1.38 7.03
N VAL A 38 -4.84 2.17 8.06
CA VAL A 38 -5.16 1.63 9.38
C VAL A 38 -6.47 0.86 9.34
N ASP A 39 -7.49 1.43 8.71
CA ASP A 39 -8.79 0.77 8.56
C ASP A 39 -8.65 -0.55 7.81
N LEU A 40 -7.91 -0.52 6.69
CA LEU A 40 -7.69 -1.71 5.88
C LEU A 40 -6.95 -2.78 6.67
N PHE A 41 -5.86 -2.38 7.31
CA PHE A 41 -5.09 -3.31 8.14
C PHE A 41 -5.97 -3.93 9.22
N ASN A 42 -6.70 -3.08 9.93
CA ASN A 42 -7.62 -3.54 10.99
C ASN A 42 -8.64 -4.56 10.48
N LYS A 43 -9.18 -4.33 9.28
CA LYS A 43 -10.16 -5.26 8.71
C LYS A 43 -9.49 -6.58 8.32
N LEU A 44 -8.32 -6.49 7.67
CA LEU A 44 -7.55 -7.68 7.32
C LEU A 44 -7.13 -8.46 8.57
N ASN A 45 -6.80 -7.73 9.63
CA ASN A 45 -6.34 -8.34 10.88
C ASN A 45 -7.42 -9.14 11.62
N GLU A 46 -8.68 -8.78 11.43
CA GLU A 46 -9.81 -9.45 12.11
C GLU A 46 -9.84 -10.96 11.86
N THR A 47 -9.64 -11.35 10.61
CA THR A 47 -9.70 -12.76 10.21
C THR A 47 -8.34 -13.45 10.26
N ASN A 48 -7.27 -12.70 9.99
CA ASN A 48 -5.91 -13.24 9.95
C ASN A 48 -5.00 -12.58 10.98
N ARG A 49 -5.15 -12.99 12.23
CA ARG A 49 -4.38 -12.42 13.35
C ARG A 49 -2.94 -12.92 13.40
N ASP A 50 -2.68 -14.08 12.78
CA ASP A 50 -1.41 -14.78 12.93
C ASP A 50 -0.68 -15.00 11.60
N LYS A 51 -0.90 -14.11 10.64
CA LYS A 51 -0.28 -14.21 9.33
C LYS A 51 0.43 -12.90 8.98
N ASN A 52 1.42 -13.00 8.09
CA ASN A 52 2.08 -11.81 7.55
C ASN A 52 1.07 -11.00 6.74
N ILE A 53 1.11 -9.68 6.91
CA ILE A 53 0.28 -8.77 6.12
C ILE A 53 1.18 -7.76 5.43
N PHE A 54 0.95 -7.53 4.14
CA PHE A 54 1.70 -6.52 3.42
C PHE A 54 0.94 -6.03 2.19
N PHE A 55 0.76 -4.72 2.12
CA PHE A 55 0.06 -4.09 1.01
C PHE A 55 0.56 -2.68 0.76
N SER A 56 0.21 -2.15 -0.41
CA SER A 56 0.45 -0.76 -0.75
C SER A 56 -0.88 -0.02 -0.73
N PRO A 57 -1.12 0.80 0.31
CA PRO A 57 -2.35 1.57 0.36
C PRO A 57 -2.38 2.68 -0.70
N TRP A 58 -1.21 3.15 -1.10
CA TRP A 58 -1.11 4.08 -2.23
C TRP A 58 -1.69 3.46 -3.50
N SER A 59 -1.27 2.22 -3.80
CA SER A 59 -1.72 1.54 -5.00
C SER A 59 -3.21 1.25 -4.97
N ILE A 60 -3.70 0.78 -3.83
CA ILE A 60 -5.11 0.44 -3.69
C ILE A 60 -5.98 1.69 -3.79
N SER A 61 -5.60 2.73 -3.05
CA SER A 61 -6.36 3.98 -3.06
C SER A 61 -6.32 4.65 -4.43
N SER A 62 -5.17 4.60 -5.10
CA SER A 62 -5.05 5.17 -6.46
C SER A 62 -6.00 4.51 -7.45
N ALA A 63 -6.00 3.19 -7.51
CA ALA A 63 -6.86 2.45 -8.42
C ALA A 63 -8.35 2.69 -8.11
N LEU A 64 -8.70 2.66 -6.83
CA LEU A 64 -10.08 2.89 -6.42
C LEU A 64 -10.49 4.36 -6.57
N ALA A 65 -9.54 5.28 -6.49
CA ALA A 65 -9.80 6.70 -6.72
C ALA A 65 -10.13 6.96 -8.19
N LEU A 66 -9.37 6.31 -9.08
CA LEU A 66 -9.64 6.37 -10.52
C LEU A 66 -11.03 5.78 -10.84
N THR A 67 -11.43 4.79 -10.04
CA THR A 67 -12.75 4.18 -10.16
C THR A 67 -13.82 5.10 -9.60
N TYR A 68 -13.53 5.70 -8.45
CA TYR A 68 -14.41 6.68 -7.79
C TYR A 68 -14.72 7.89 -8.68
N LEU A 69 -13.73 8.30 -9.48
CA LEU A 69 -13.91 9.37 -10.47
C LEU A 69 -15.12 9.12 -11.39
N ALA A 70 -15.42 7.85 -11.65
CA ALA A 70 -16.54 7.47 -12.51
C ALA A 70 -17.84 7.21 -11.74
N ALA A 71 -17.78 7.15 -10.41
CA ALA A 71 -18.92 6.73 -9.60
C ALA A 71 -19.93 7.86 -9.39
N LYS A 72 -21.18 7.47 -9.15
CA LYS A 72 -22.27 8.40 -8.88
C LYS A 72 -23.08 7.95 -7.67
N GLY A 73 -23.73 8.89 -7.00
CA GLY A 73 -24.66 8.56 -5.93
C GLY A 73 -24.04 7.79 -4.78
N SER A 74 -24.80 6.85 -4.24
CA SER A 74 -24.35 6.04 -3.09
C SER A 74 -23.12 5.21 -3.42
N THR A 75 -22.99 4.78 -4.68
CA THR A 75 -21.78 4.10 -5.14
C THR A 75 -20.55 4.97 -4.85
N ALA A 76 -20.62 6.24 -5.24
CA ALA A 76 -19.54 7.19 -5.03
C ALA A 76 -19.35 7.53 -3.55
N ARG A 77 -20.46 7.78 -2.86
CA ARG A 77 -20.42 8.20 -1.46
C ARG A 77 -19.75 7.16 -0.56
N GLU A 78 -20.13 5.90 -0.74
CA GLU A 78 -19.56 4.78 0.02
C GLU A 78 -18.04 4.66 -0.20
N MET A 79 -17.63 4.75 -1.46
CA MET A 79 -16.20 4.68 -1.79
C MET A 79 -15.43 5.82 -1.15
N ALA A 80 -15.98 7.04 -1.24
CA ALA A 80 -15.36 8.22 -0.63
C ALA A 80 -15.21 8.07 0.89
N GLU A 81 -16.20 7.48 1.54
CA GLU A 81 -16.17 7.29 2.99
C GLU A 81 -15.16 6.22 3.40
N VAL A 82 -15.16 5.10 2.69
CA VAL A 82 -14.21 4.02 2.99
C VAL A 82 -12.76 4.47 2.76
N LEU A 83 -12.54 5.23 1.69
CA LEU A 83 -11.20 5.72 1.35
C LEU A 83 -10.81 7.00 2.10
N HIS A 84 -11.72 7.53 2.92
CA HIS A 84 -11.50 8.74 3.72
C HIS A 84 -11.32 10.00 2.86
N PHE A 85 -11.95 10.02 1.69
CA PHE A 85 -12.04 11.23 0.87
C PHE A 85 -13.08 12.17 1.48
N THR A 86 -14.10 11.59 2.12
CA THR A 86 -15.12 12.34 2.84
C THR A 86 -15.39 11.68 4.18
N GLU A 87 -16.07 12.41 5.07
CA GLU A 87 -16.42 11.89 6.39
C GLU A 87 -17.80 11.24 6.36
N ALA A 88 -17.96 10.15 7.11
CA ALA A 88 -19.24 9.44 7.19
C ALA A 88 -20.13 10.09 8.24
N HIS A 113 -24.04 12.87 -4.74
CA HIS A 113 -22.70 13.00 -4.18
C HIS A 113 -21.87 13.99 -4.99
N GLU A 114 -21.15 14.87 -4.27
CA GLU A 114 -20.27 15.84 -4.91
C GLU A 114 -18.84 15.29 -4.97
N GLN A 115 -18.29 15.19 -6.17
CA GLN A 115 -16.93 14.68 -6.38
C GLN A 115 -15.91 15.51 -5.62
N ALA A 116 -15.04 14.83 -4.86
CA ALA A 116 -13.97 15.48 -4.14
C ALA A 116 -12.86 15.87 -5.10
N GLU A 117 -13.00 17.05 -5.70
CA GLU A 117 -12.03 17.55 -6.68
C GLU A 117 -10.65 17.76 -6.06
N ASN A 118 -10.63 18.16 -4.79
CA ASN A 118 -9.39 18.30 -4.02
C ASN A 118 -8.59 17.00 -3.95
N ILE A 119 -9.29 15.88 -3.83
CA ILE A 119 -8.64 14.56 -3.76
C ILE A 119 -7.99 14.20 -5.09
N HIS A 120 -8.73 14.35 -6.18
CA HIS A 120 -8.18 14.06 -7.51
C HIS A 120 -6.96 14.93 -7.79
N SER A 121 -7.04 16.20 -7.39
CA SER A 121 -5.90 17.13 -7.50
C SER A 121 -4.72 16.69 -6.63
N GLY A 122 -5.01 16.21 -5.42
CA GLY A 122 -3.97 15.73 -4.52
C GLY A 122 -3.25 14.51 -5.08
N PHE A 123 -4.00 13.58 -5.65
CA PHE A 123 -3.42 12.38 -6.29
C PHE A 123 -2.51 12.76 -7.46
N LYS A 124 -2.95 13.75 -8.24
CA LYS A 124 -2.18 14.24 -9.38
C LYS A 124 -0.80 14.73 -8.95
N GLU A 125 -0.77 15.59 -7.94
CA GLU A 125 0.48 16.21 -7.51
C GLU A 125 1.39 15.20 -6.80
N LEU A 126 0.80 14.30 -6.02
CA LEU A 126 1.57 13.24 -5.37
C LEU A 126 2.21 12.32 -6.41
N LEU A 127 1.43 11.90 -7.40
CA LEU A 127 1.92 11.07 -8.50
C LEU A 127 3.10 11.73 -9.22
N THR A 128 2.99 13.04 -9.46
CA THR A 128 4.05 13.83 -10.07
C THR A 128 5.31 13.84 -9.18
N ALA A 129 5.11 14.00 -7.88
CA ALA A 129 6.22 13.99 -6.92
C ALA A 129 6.94 12.64 -6.88
N PHE A 130 6.17 11.54 -6.92
CA PHE A 130 6.74 10.20 -6.87
C PHE A 130 7.48 9.84 -8.15
N ASN A 131 7.05 10.41 -9.27
CA ASN A 131 7.63 10.09 -10.58
C ASN A 131 8.72 11.08 -11.02
N LYS A 132 9.16 11.94 -10.12
CA LYS A 132 10.28 12.87 -10.40
C LYS A 132 11.48 12.12 -10.98
N PRO A 133 12.08 12.66 -12.06
CA PRO A 133 13.29 12.06 -12.61
C PRO A 133 14.42 11.98 -11.57
N ARG A 134 15.08 10.82 -11.53
CA ARG A 134 16.19 10.61 -10.61
C ARG A 134 16.98 9.37 -10.99
N ASN A 135 18.23 9.29 -10.52
CA ASN A 135 19.06 8.11 -10.70
C ASN A 135 19.77 7.67 -9.42
N ASN A 136 19.34 8.18 -8.27
CA ASN A 136 19.90 7.82 -6.96
C ASN A 136 19.10 6.72 -6.26
N TYR A 137 17.84 6.56 -6.67
CA TYR A 137 17.04 5.40 -6.30
C TYR A 137 15.85 5.28 -7.26
N SER A 138 15.08 4.20 -7.12
CA SER A 138 13.94 3.94 -7.98
C SER A 138 12.64 4.17 -7.24
N LEU A 139 11.81 5.08 -7.76
CA LEU A 139 10.43 5.24 -7.30
C LEU A 139 9.57 5.64 -8.50
N ARG A 140 8.55 4.83 -8.79
CA ARG A 140 7.65 5.11 -9.90
C ARG A 140 6.28 4.53 -9.64
N SER A 141 5.27 5.21 -10.17
CA SER A 141 3.91 4.71 -10.15
C SER A 141 3.19 5.09 -11.43
N ALA A 142 2.30 4.23 -11.88
CA ALA A 142 1.59 4.45 -13.13
C ALA A 142 0.18 3.88 -13.07
N ASN A 143 -0.72 4.48 -13.82
CA ASN A 143 -2.10 4.04 -13.92
C ASN A 143 -2.48 3.82 -15.36
N ARG A 144 -3.40 2.91 -15.60
CA ARG A 144 -3.87 2.65 -16.96
C ARG A 144 -5.30 2.12 -16.97
N ILE A 145 -6.02 2.48 -18.03
CA ILE A 145 -7.40 2.04 -18.23
C ILE A 145 -7.43 1.06 -19.39
N TYR A 146 -7.79 -0.19 -19.11
CA TYR A 146 -8.01 -1.18 -20.14
C TYR A 146 -9.52 -1.34 -20.32
N VAL A 147 -10.00 -1.16 -21.55
CA VAL A 147 -11.42 -1.16 -21.81
C VAL A 147 -11.77 -2.02 -23.02
N GLU A 148 -12.90 -2.72 -22.94
CA GLU A 148 -13.45 -3.48 -24.07
C GLU A 148 -13.56 -2.56 -25.28
N LYS A 149 -13.00 -2.98 -26.41
CA LYS A 149 -12.95 -2.15 -27.62
C LYS A 149 -14.32 -1.69 -28.10
N THR A 150 -15.33 -2.53 -27.90
CA THR A 150 -16.71 -2.21 -28.28
C THR A 150 -17.45 -1.33 -27.28
N TYR A 151 -16.88 -1.13 -26.08
CA TYR A 151 -17.54 -0.34 -25.03
C TYR A 151 -17.03 1.09 -25.00
N ALA A 152 -17.91 2.04 -25.37
CA ALA A 152 -17.55 3.45 -25.42
C ALA A 152 -17.57 4.09 -24.03
N LEU A 153 -16.52 4.86 -23.73
CA LEU A 153 -16.44 5.61 -22.48
C LEU A 153 -16.63 7.11 -22.75
N LEU A 154 -17.09 7.84 -21.74
CA LEU A 154 -17.31 9.28 -21.88
C LEU A 154 -15.98 10.01 -22.04
N PRO A 155 -15.87 10.88 -23.06
CA PRO A 155 -14.65 11.68 -23.25
C PRO A 155 -14.21 12.46 -22.01
N THR A 156 -15.18 12.99 -21.26
CA THR A 156 -14.90 13.76 -20.06
C THR A 156 -14.20 12.91 -18.99
N TYR A 157 -14.57 11.64 -18.89
CA TYR A 157 -13.91 10.73 -17.96
C TYR A 157 -12.45 10.47 -18.37
N LEU A 158 -12.22 10.30 -19.66
CA LEU A 158 -10.89 10.04 -20.17
C LEU A 158 -9.93 11.22 -19.99
N GLN A 159 -10.41 12.44 -20.20
CA GLN A 159 -9.56 13.62 -20.02
C GLN A 159 -9.24 13.87 -18.54
N LEU A 160 -10.22 13.62 -17.68
CA LEU A 160 -10.01 13.75 -16.22
C LEU A 160 -9.08 12.65 -15.70
N SER A 161 -9.25 11.44 -16.21
CA SER A 161 -8.37 10.31 -15.85
C SER A 161 -6.94 10.57 -16.30
N LYS A 162 -6.78 11.14 -17.50
CA LYS A 162 -5.46 11.50 -18.00
C LYS A 162 -4.85 12.62 -17.15
N LYS A 163 -5.66 13.64 -16.84
CA LYS A 163 -5.20 14.79 -16.08
C LYS A 163 -4.74 14.41 -14.68
N TYR A 164 -5.64 13.79 -13.91
CA TYR A 164 -5.41 13.55 -12.49
C TYR A 164 -4.64 12.27 -12.17
N TYR A 165 -4.71 11.28 -13.05
CA TYR A 165 -4.07 9.97 -12.79
C TYR A 165 -3.09 9.52 -13.88
N LYS A 166 -2.91 10.35 -14.92
CA LYS A 166 -2.02 9.99 -16.03
C LYS A 166 -2.34 8.61 -16.58
N ALA A 167 -3.63 8.29 -16.60
CA ALA A 167 -4.11 7.01 -17.07
C ALA A 167 -4.64 7.18 -18.48
N GLU A 168 -4.01 6.47 -19.42
CA GLU A 168 -4.46 6.48 -20.81
C GLU A 168 -5.30 5.24 -21.06
N PRO A 169 -6.25 5.33 -21.99
CA PRO A 169 -7.08 4.17 -22.31
C PRO A 169 -6.42 3.29 -23.35
N GLN A 170 -6.45 1.97 -23.13
CA GLN A 170 -6.03 1.01 -24.15
C GLN A 170 -7.19 0.07 -24.46
N LYS A 171 -7.67 0.12 -25.69
CA LYS A 171 -8.74 -0.77 -26.13
C LYS A 171 -8.21 -2.20 -26.21
N VAL A 172 -8.95 -3.13 -25.62
CA VAL A 172 -8.62 -4.55 -25.67
C VAL A 172 -9.86 -5.35 -26.04
N ASN A 173 -9.66 -6.57 -26.55
CA ASN A 173 -10.77 -7.44 -26.91
C ASN A 173 -11.07 -8.42 -25.77
N PHE A 174 -11.82 -7.94 -24.78
CA PHE A 174 -12.26 -8.81 -23.68
C PHE A 174 -13.29 -9.84 -24.17
N LYS A 175 -14.21 -9.41 -25.01
CA LYS A 175 -15.36 -10.24 -25.42
C LYS A 175 -14.96 -11.58 -26.05
N THR A 176 -14.03 -11.54 -27.01
CA THR A 176 -13.62 -12.76 -27.72
C THR A 176 -12.13 -13.09 -27.61
N ALA A 177 -11.40 -12.35 -26.77
CA ALA A 177 -9.98 -12.66 -26.53
C ALA A 177 -9.55 -12.25 -25.12
N PRO A 178 -10.23 -12.80 -24.09
CA PRO A 178 -9.90 -12.47 -22.70
C PRO A 178 -8.48 -12.86 -22.27
N GLU A 179 -7.97 -13.97 -22.79
CA GLU A 179 -6.61 -14.42 -22.44
C GLU A 179 -5.55 -13.53 -23.06
N GLN A 180 -5.75 -13.12 -24.30
CA GLN A 180 -4.90 -12.12 -24.95
C GLN A 180 -4.86 -10.84 -24.13
N SER A 181 -6.04 -10.38 -23.72
CA SER A 181 -6.18 -9.15 -22.94
C SER A 181 -5.52 -9.28 -21.57
N ARG A 182 -5.71 -10.43 -20.93
CA ARG A 182 -5.11 -10.70 -19.61
C ARG A 182 -3.59 -10.60 -19.67
N LYS A 183 -2.99 -11.31 -20.63
CA LYS A 183 -1.53 -11.34 -20.77
C LYS A 183 -0.95 -9.96 -21.12
N GLU A 184 -1.69 -9.20 -21.92
CA GLU A 184 -1.32 -7.82 -22.26
C GLU A 184 -1.24 -6.95 -21.01
N ILE A 185 -2.22 -7.09 -20.12
CA ILE A 185 -2.27 -6.33 -18.87
C ILE A 185 -1.16 -6.77 -17.93
N ASN A 186 -1.00 -8.08 -17.77
CA ASN A 186 0.06 -8.65 -16.92
C ASN A 186 1.46 -8.23 -17.36
N THR A 187 1.67 -8.14 -18.67
CA THR A 187 2.93 -7.68 -19.24
C THR A 187 3.22 -6.22 -18.87
N TRP A 188 2.20 -5.37 -18.96
CA TRP A 188 2.35 -3.96 -18.60
C TRP A 188 2.72 -3.82 -17.12
N VAL A 189 2.02 -4.57 -16.27
CA VAL A 189 2.30 -4.55 -14.83
C VAL A 189 3.73 -5.01 -14.55
N GLU A 190 4.19 -6.06 -15.25
CA GLU A 190 5.57 -6.52 -15.14
C GLU A 190 6.57 -5.42 -15.48
N LYS A 191 6.31 -4.71 -16.56
CA LYS A 191 7.17 -3.59 -16.98
C LYS A 191 7.23 -2.48 -15.93
N GLN A 192 6.08 -2.17 -15.32
CA GLN A 192 6.01 -1.11 -14.30
C GLN A 192 6.64 -1.53 -12.97
N THR A 193 6.82 -2.84 -12.77
CA THR A 193 7.25 -3.38 -11.47
C THR A 193 8.61 -4.09 -11.52
N GLU A 194 9.37 -3.88 -12.59
CA GLU A 194 10.64 -4.61 -12.81
C GLU A 194 10.45 -6.11 -12.64
N SER A 195 9.33 -6.63 -13.17
CA SER A 195 8.98 -8.05 -13.11
C SER A 195 8.83 -8.63 -11.70
N LYS A 196 8.56 -7.78 -10.71
CA LYS A 196 8.37 -8.25 -9.34
C LYS A 196 6.90 -8.58 -9.03
N ILE A 197 5.98 -8.00 -9.80
CA ILE A 197 4.57 -8.41 -9.82
C ILE A 197 4.32 -9.08 -11.18
N LYS A 198 4.45 -10.39 -11.22
CA LYS A 198 4.51 -11.12 -12.50
C LYS A 198 3.15 -11.35 -13.16
N ASN A 199 2.40 -12.34 -12.70
CA ASN A 199 1.14 -12.70 -13.32
C ASN A 199 -0.02 -12.16 -12.50
N LEU A 200 -0.22 -10.85 -12.55
CA LEU A 200 -1.20 -10.19 -11.68
C LEU A 200 -2.57 -10.84 -11.78
N LEU A 201 -3.11 -10.92 -13.00
CA LEU A 201 -4.45 -11.45 -13.23
C LEU A 201 -4.39 -12.91 -13.67
N SER A 202 -5.33 -13.72 -13.18
CA SER A 202 -5.45 -15.12 -13.60
C SER A 202 -6.61 -15.28 -14.58
N SER A 203 -6.78 -16.50 -15.11
CA SER A 203 -7.87 -16.79 -16.04
C SER A 203 -9.25 -16.69 -15.39
N ASP A 204 -9.30 -16.81 -14.07
CA ASP A 204 -10.55 -16.66 -13.32
C ASP A 204 -10.96 -15.19 -13.15
N ASP A 205 -10.03 -14.26 -13.39
CA ASP A 205 -10.25 -12.84 -13.18
C ASP A 205 -10.73 -12.12 -14.43
N VAL A 206 -10.14 -12.44 -15.58
CA VAL A 206 -10.49 -11.81 -16.85
C VAL A 206 -11.33 -12.79 -17.67
N LYS A 207 -12.53 -12.37 -18.02
CA LYS A 207 -13.48 -13.22 -18.76
C LYS A 207 -14.10 -12.44 -19.92
N ALA A 208 -14.91 -13.14 -20.71
CA ALA A 208 -15.63 -12.53 -21.83
C ALA A 208 -16.57 -11.41 -21.37
N THR A 209 -17.04 -11.49 -20.13
CA THR A 209 -17.93 -10.49 -19.55
C THR A 209 -17.22 -9.24 -19.01
N THR A 210 -15.89 -9.29 -18.92
CA THR A 210 -15.11 -8.15 -18.44
C THR A 210 -15.21 -6.97 -19.39
N ARG A 211 -15.38 -5.76 -18.87
CA ARG A 211 -15.54 -4.56 -19.70
C ARG A 211 -14.47 -3.50 -19.45
N LEU A 212 -14.04 -3.34 -18.20
CA LEU A 212 -12.94 -2.45 -17.87
C LEU A 212 -12.04 -3.04 -16.79
N ILE A 213 -10.75 -2.81 -16.92
CA ILE A 213 -9.80 -3.07 -15.83
C ILE A 213 -8.96 -1.81 -15.63
N LEU A 214 -9.11 -1.20 -14.45
CA LEU A 214 -8.35 -0.02 -14.07
C LEU A 214 -7.21 -0.49 -13.17
N VAL A 215 -5.98 -0.18 -13.57
CA VAL A 215 -4.79 -0.73 -12.91
C VAL A 215 -3.86 0.37 -12.42
N ASN A 216 -3.39 0.21 -11.18
CA ASN A 216 -2.26 0.99 -10.69
C ASN A 216 -1.10 0.05 -10.39
N ALA A 217 0.10 0.50 -10.72
CA ALA A 217 1.33 -0.17 -10.33
C ALA A 217 2.24 0.81 -9.60
N ILE A 218 3.03 0.29 -8.66
CA ILE A 218 4.04 1.08 -7.97
C ILE A 218 5.30 0.24 -7.80
N TYR A 219 6.46 0.86 -7.99
CA TYR A 219 7.74 0.20 -7.79
C TYR A 219 8.67 1.11 -7.01
N PHE A 220 9.35 0.52 -6.02
CA PHE A 220 10.30 1.23 -5.18
C PHE A 220 11.54 0.37 -4.96
N LYS A 221 12.71 0.97 -5.14
CA LYS A 221 13.96 0.33 -4.76
C LYS A 221 14.98 1.40 -4.38
N ALA A 222 15.54 1.28 -3.19
CA ALA A 222 16.51 2.25 -2.71
C ALA A 222 17.47 1.59 -1.73
N GLU A 223 18.70 2.11 -1.69
CA GLU A 223 19.65 1.74 -0.65
C GLU A 223 19.29 2.45 0.64
N TRP A 224 19.63 1.83 1.76
CA TRP A 224 19.59 2.52 3.05
C TRP A 224 20.56 3.69 2.98
N GLU A 225 20.25 4.76 3.70
CA GLU A 225 21.22 5.84 3.90
C GLU A 225 22.48 5.25 4.55
N VAL A 226 22.28 4.42 5.56
CA VAL A 226 23.36 3.67 6.20
C VAL A 226 23.08 2.18 6.03
N LYS A 227 23.87 1.52 5.19
CA LYS A 227 23.68 0.10 4.88
C LYS A 227 24.26 -0.80 5.97
N PHE A 228 23.61 -1.95 6.18
CA PHE A 228 24.14 -2.98 7.07
C PHE A 228 25.33 -3.64 6.38
N GLN A 229 26.27 -4.16 7.17
CA GLN A 229 27.41 -4.89 6.62
C GLN A 229 27.12 -6.39 6.71
N ALA A 230 27.22 -7.07 5.57
CA ALA A 230 26.84 -8.48 5.46
C ALA A 230 27.60 -9.41 6.41
N GLU A 231 28.85 -9.05 6.72
CA GLU A 231 29.68 -9.83 7.66
C GLU A 231 29.08 -9.89 9.07
N LYS A 232 28.31 -8.86 9.44
CA LYS A 232 27.67 -8.82 10.76
C LYS A 232 26.35 -9.57 10.82
N THR A 233 25.84 -10.01 9.66
CA THR A 233 24.62 -10.79 9.60
C THR A 233 24.88 -12.22 10.08
N SER A 234 23.93 -12.77 10.83
CA SER A 234 24.06 -14.13 11.38
C SER A 234 22.69 -14.76 11.60
N ILE A 235 22.68 -16.07 11.83
CA ILE A 235 21.44 -16.79 12.13
C ILE A 235 21.08 -16.56 13.60
N GLN A 236 19.89 -16.01 13.82
CA GLN A 236 19.40 -15.72 15.18
C GLN A 236 17.93 -16.11 15.28
N PRO A 237 17.46 -16.42 16.50
CA PRO A 237 16.06 -16.80 16.67
C PRO A 237 15.11 -15.60 16.59
N PHE A 238 14.06 -15.76 15.78
CA PHE A 238 12.96 -14.80 15.74
C PHE A 238 11.80 -15.38 16.55
N ARG A 239 11.36 -14.67 17.58
CA ARG A 239 10.36 -15.17 18.50
C ARG A 239 8.95 -14.82 18.01
N LEU A 240 8.23 -15.83 17.54
CA LEU A 240 6.84 -15.65 17.06
C LEU A 240 5.90 -15.38 18.22
N SER A 241 6.18 -16.01 19.36
CA SER A 241 5.39 -15.85 20.59
C SER A 241 6.29 -16.09 21.80
N LYS A 242 5.69 -16.10 22.98
CA LYS A 242 6.42 -16.44 24.22
C LYS A 242 6.97 -17.88 24.19
N ASN A 243 6.23 -18.79 23.55
CA ASN A 243 6.57 -20.21 23.54
C ASN A 243 6.95 -20.75 22.15
N LYS A 244 7.37 -19.88 21.25
CA LYS A 244 7.75 -20.30 19.90
C LYS A 244 8.73 -19.33 19.25
N SER A 245 9.70 -19.89 18.53
CA SER A 245 10.66 -19.09 17.77
C SER A 245 11.20 -19.87 16.58
N LYS A 246 11.65 -19.14 15.56
CA LYS A 246 12.23 -19.75 14.35
C LYS A 246 13.46 -18.97 13.91
N PRO A 247 14.45 -19.67 13.32
CA PRO A 247 15.70 -19.01 12.92
C PRO A 247 15.55 -18.11 11.70
N VAL A 248 16.17 -16.94 11.74
CA VAL A 248 16.20 -16.02 10.59
C VAL A 248 17.59 -15.41 10.45
N LYS A 249 17.89 -14.91 9.27
CA LYS A 249 19.12 -14.15 9.04
C LYS A 249 18.94 -12.75 9.64
N MET A 250 19.60 -12.51 10.76
CA MET A 250 19.46 -11.26 11.49
C MET A 250 20.60 -10.31 11.16
N MET A 251 20.27 -9.18 10.55
CA MET A 251 21.25 -8.15 10.23
C MET A 251 21.53 -7.36 11.50
N TYR A 252 22.72 -6.77 11.59
CA TYR A 252 23.09 -5.98 12.77
C TYR A 252 23.96 -4.78 12.42
N MET A 253 23.71 -3.67 13.10
CA MET A 253 24.61 -2.52 13.09
C MET A 253 24.45 -1.69 14.36
N ARG A 254 25.51 -0.97 14.71
CA ARG A 254 25.44 0.07 15.74
C ARG A 254 25.54 1.42 15.03
N ASP A 255 24.47 2.21 15.10
CA ASP A 255 24.48 3.54 14.51
C ASP A 255 23.35 4.39 15.09
N THR A 256 23.27 5.64 14.66
CA THR A 256 22.32 6.61 15.21
C THR A 256 21.11 6.79 14.28
N PHE A 257 19.91 6.63 14.85
CA PHE A 257 18.66 6.80 14.12
C PHE A 257 17.63 7.53 14.99
N PRO A 258 16.64 8.17 14.36
CA PRO A 258 15.54 8.73 15.14
C PRO A 258 14.73 7.64 15.83
N VAL A 259 14.59 7.71 17.15
CA VAL A 259 13.87 6.70 17.92
C VAL A 259 12.88 7.36 18.88
N LEU A 260 11.65 6.84 18.90
CA LEU A 260 10.62 7.28 19.84
C LEU A 260 10.36 6.18 20.84
N ILE A 261 10.62 6.46 22.12
CA ILE A 261 10.36 5.52 23.19
C ILE A 261 9.04 5.87 23.86
N MET A 262 8.11 4.91 23.87
CA MET A 262 6.81 5.10 24.48
C MET A 262 6.60 4.01 25.54
N GLU A 263 7.27 4.19 26.68
CA GLU A 263 7.26 3.20 27.76
C GLU A 263 5.85 2.91 28.28
N LYS A 264 5.06 3.97 28.45
CA LYS A 264 3.69 3.86 28.94
C LYS A 264 2.80 3.00 28.03
N MET A 265 3.01 3.11 26.72
CA MET A 265 2.23 2.34 25.74
C MET A 265 2.96 1.07 25.28
N ASN A 266 4.07 0.74 25.94
CA ASN A 266 4.80 -0.52 25.73
C ASN A 266 5.31 -0.75 24.30
N PHE A 267 5.92 0.28 23.70
CA PHE A 267 6.52 0.13 22.39
C PHE A 267 7.59 1.18 22.11
N LYS A 268 8.42 0.89 21.11
CA LYS A 268 9.37 1.85 20.57
C LYS A 268 9.20 1.92 19.06
N MET A 269 9.52 3.08 18.49
CA MET A 269 9.49 3.25 17.04
C MET A 269 10.82 3.81 16.56
N ILE A 270 11.29 3.30 15.42
CA ILE A 270 12.52 3.77 14.81
C ILE A 270 12.28 4.10 13.35
N GLU A 271 13.01 5.09 12.85
CA GLU A 271 12.99 5.46 11.45
C GLU A 271 14.31 5.06 10.82
N LEU A 272 14.24 4.27 9.74
CA LEU A 272 15.41 3.85 8.97
C LEU A 272 15.37 4.54 7.60
N PRO A 273 16.07 5.67 7.45
CA PRO A 273 16.03 6.39 6.17
C PRO A 273 16.70 5.66 5.01
N TYR A 274 16.10 5.80 3.82
CA TYR A 274 16.78 5.44 2.57
C TYR A 274 17.58 6.66 2.11
N VAL A 275 18.30 6.52 1.01
CA VAL A 275 19.22 7.58 0.56
C VAL A 275 18.56 8.96 0.56
N LYS A 276 19.29 9.93 1.10
CA LYS A 276 18.84 11.33 1.22
C LYS A 276 17.60 11.53 2.12
N ARG A 277 17.21 10.49 2.86
CA ARG A 277 16.04 10.55 3.75
C ARG A 277 14.75 11.01 3.04
N GLU A 278 14.66 10.76 1.72
CA GLU A 278 13.46 11.15 0.98
C GLU A 278 12.34 10.15 1.23
N LEU A 279 12.72 8.90 1.47
CA LEU A 279 11.82 7.90 2.01
C LEU A 279 12.48 7.22 3.20
N SER A 280 11.67 6.64 4.08
CA SER A 280 12.16 5.90 5.23
C SER A 280 11.31 4.67 5.47
N MET A 281 11.89 3.66 6.11
CA MET A 281 11.10 2.58 6.69
C MET A 281 10.97 2.86 8.18
N PHE A 282 9.72 2.94 8.65
CA PHE A 282 9.43 3.05 10.07
C PHE A 282 9.09 1.67 10.60
N ILE A 283 9.60 1.34 11.78
CA ILE A 283 9.32 0.06 12.42
C ILE A 283 8.76 0.33 13.81
N LEU A 284 7.59 -0.25 14.10
CA LEU A 284 6.97 -0.17 15.42
C LEU A 284 7.19 -1.50 16.11
N LEU A 285 7.92 -1.46 17.22
CA LEU A 285 8.31 -2.67 17.95
C LEU A 285 7.81 -2.60 19.40
N PRO A 286 6.90 -3.52 19.79
CA PRO A 286 6.53 -3.60 21.20
C PRO A 286 7.75 -3.85 22.09
N ASP A 287 7.71 -3.34 23.32
CA ASP A 287 8.87 -3.41 24.25
C ASP A 287 9.39 -4.83 24.47
N ASP A 288 8.48 -5.80 24.41
CA ASP A 288 8.84 -7.22 24.51
C ASP A 288 7.65 -7.98 23.91
N ILE A 289 7.46 -9.24 24.30
CA ILE A 289 6.21 -9.95 24.02
C ILE A 289 5.43 -10.02 25.34
N LYS A 290 4.41 -9.17 25.46
CA LYS A 290 3.66 -9.03 26.72
C LYS A 290 2.20 -9.46 26.59
N ASP A 291 1.92 -10.38 25.66
CA ASP A 291 0.59 -10.99 25.54
C ASP A 291 0.71 -12.43 25.07
N GLY A 292 -0.43 -13.12 24.97
CA GLY A 292 -0.47 -14.55 24.67
C GLY A 292 -0.34 -14.96 23.22
N THR A 293 -0.11 -14.00 22.32
CA THR A 293 0.06 -14.30 20.89
C THR A 293 1.36 -13.67 20.33
N THR A 294 1.22 -12.61 19.54
CA THR A 294 2.33 -12.06 18.78
C THR A 294 3.10 -10.95 19.51
N GLY A 295 2.50 -10.41 20.57
CA GLY A 295 3.06 -9.24 21.26
C GLY A 295 2.51 -7.93 20.74
N LEU A 296 1.71 -7.99 19.67
CA LEU A 296 1.17 -6.80 19.01
C LEU A 296 -0.29 -6.51 19.39
N GLU A 297 -0.83 -7.20 20.39
CA GLU A 297 -2.25 -7.07 20.73
C GLU A 297 -2.61 -5.65 21.18
N GLN A 298 -1.78 -5.05 22.03
CA GLN A 298 -2.03 -3.68 22.50
C GLN A 298 -1.88 -2.66 21.38
N LEU A 299 -0.78 -2.77 20.64
CA LEU A 299 -0.51 -1.86 19.52
C LEU A 299 -1.64 -1.91 18.49
N GLU A 300 -2.06 -3.12 18.15
CA GLU A 300 -3.11 -3.31 17.14
C GLU A 300 -4.50 -2.90 17.64
N ARG A 301 -4.73 -3.04 18.94
CA ARG A 301 -5.98 -2.59 19.55
C ARG A 301 -6.06 -1.06 19.59
N GLU A 302 -4.94 -0.40 19.80
CA GLU A 302 -4.89 1.06 19.95
C GLU A 302 -4.40 1.79 18.70
N LEU A 303 -4.28 1.08 17.58
CA LEU A 303 -3.76 1.66 16.34
C LEU A 303 -4.76 2.63 15.69
N THR A 304 -4.36 3.88 15.55
CA THR A 304 -5.10 4.88 14.78
C THR A 304 -4.09 5.71 13.97
N TYR A 305 -4.53 6.29 12.86
CA TYR A 305 -3.62 7.11 12.06
C TYR A 305 -3.28 8.42 12.77
N GLU A 306 -4.21 8.95 13.55
CA GLU A 306 -3.96 10.13 14.37
C GLU A 306 -2.76 9.88 15.28
N ARG A 307 -2.77 8.75 15.97
CA ARG A 307 -1.64 8.34 16.81
C ARG A 307 -0.38 8.12 15.97
N LEU A 308 -0.51 7.37 14.89
CA LEU A 308 0.61 7.04 14.01
C LEU A 308 1.27 8.30 13.42
N SER A 309 0.44 9.28 13.05
CA SER A 309 0.93 10.55 12.53
C SER A 309 1.68 11.34 13.58
N GLU A 310 1.13 11.38 14.79
CA GLU A 310 1.76 12.08 15.92
C GLU A 310 3.11 11.48 16.27
N TRP A 311 3.19 10.16 16.28
CA TRP A 311 4.43 9.46 16.60
C TRP A 311 5.51 9.68 15.53
N ALA A 312 5.10 9.54 14.27
CA ALA A 312 6.04 9.56 13.13
C ALA A 312 6.80 10.87 12.96
N ASP A 313 6.26 11.97 13.47
CA ASP A 313 6.94 13.26 13.45
C ASP A 313 6.89 13.90 14.83
N SER A 314 7.20 13.10 15.85
CA SER A 314 7.22 13.57 17.22
C SER A 314 8.53 14.27 17.54
N LYS A 315 8.47 15.29 18.39
CA LYS A 315 9.66 15.95 18.90
C LYS A 315 10.43 15.04 19.87
N MET A 316 9.71 14.08 20.47
CA MET A 316 10.33 13.07 21.33
C MET A 316 11.12 12.03 20.54
N MET A 317 10.82 11.89 19.24
CA MET A 317 11.53 10.95 18.38
C MET A 317 12.89 11.54 17.97
N THR A 318 13.86 11.46 18.86
CA THR A 318 15.16 12.10 18.67
C THR A 318 16.24 11.11 18.22
N GLU A 319 17.34 11.65 17.69
CA GLU A 319 18.45 10.84 17.21
C GLU A 319 19.12 10.11 18.37
N THR A 320 19.18 8.78 18.27
CA THR A 320 19.65 7.94 19.37
C THR A 320 20.60 6.86 18.87
N LEU A 321 21.71 6.66 19.58
CA LEU A 321 22.65 5.59 19.26
C LEU A 321 22.04 4.25 19.64
N VAL A 322 21.96 3.34 18.67
CA VAL A 322 21.20 2.11 18.81
C VAL A 322 21.99 0.88 18.34
N ASP A 323 21.84 -0.22 19.07
CA ASP A 323 22.25 -1.54 18.58
C ASP A 323 21.05 -2.14 17.83
N LEU A 324 21.03 -1.92 16.52
CA LEU A 324 19.89 -2.30 15.70
C LEU A 324 20.05 -3.72 15.16
N HIS A 325 19.12 -4.60 15.52
CA HIS A 325 19.01 -5.92 14.92
C HIS A 325 17.74 -5.95 14.07
N LEU A 326 17.89 -6.26 12.79
CA LEU A 326 16.75 -6.30 11.87
C LEU A 326 16.83 -7.55 11.00
N PRO A 327 15.73 -8.33 10.95
CA PRO A 327 15.76 -9.52 10.09
C PRO A 327 15.89 -9.19 8.61
N LYS A 328 16.63 -10.03 7.88
CA LYS A 328 16.61 -10.04 6.43
C LYS A 328 15.36 -10.82 6.04
N PHE A 329 14.38 -10.15 5.42
CA PHE A 329 13.12 -10.80 5.11
C PHE A 329 12.51 -10.32 3.80
N SER A 330 11.58 -11.12 3.29
CA SER A 330 10.83 -10.79 2.09
C SER A 330 9.41 -11.33 2.22
N LEU A 331 8.44 -10.53 1.78
CA LEU A 331 7.04 -10.93 1.80
C LEU A 331 6.42 -10.77 0.42
N GLU A 332 5.61 -11.75 0.04
CA GLU A 332 4.75 -11.66 -1.14
C GLU A 332 3.33 -11.98 -0.72
N ASP A 333 2.36 -11.30 -1.32
CA ASP A 333 0.97 -11.62 -1.06
C ASP A 333 0.07 -11.23 -2.21
N ARG A 334 -1.12 -11.81 -2.22
CA ARG A 334 -2.11 -11.54 -3.25
C ARG A 334 -3.49 -11.77 -2.63
N ILE A 335 -4.42 -10.87 -2.93
CA ILE A 335 -5.75 -10.95 -2.37
C ILE A 335 -6.76 -10.26 -3.28
N ASP A 336 -7.96 -10.83 -3.36
CA ASP A 336 -9.11 -10.14 -3.95
C ASP A 336 -9.77 -9.37 -2.81
N LEU A 337 -9.72 -8.05 -2.89
CA LEU A 337 -10.21 -7.18 -1.81
C LEU A 337 -11.73 -6.96 -1.80
N ARG A 338 -12.48 -7.60 -2.70
CA ARG A 338 -13.93 -7.43 -2.76
C ARG A 338 -14.57 -7.59 -1.38
N ASP A 339 -14.40 -8.77 -0.78
CA ASP A 339 -15.01 -9.07 0.52
C ASP A 339 -14.58 -8.08 1.59
N THR A 340 -13.29 -7.77 1.64
CA THR A 340 -12.74 -6.83 2.62
C THR A 340 -13.36 -5.44 2.46
N LEU A 341 -13.40 -4.95 1.22
CA LEU A 341 -13.96 -3.63 0.95
C LEU A 341 -15.45 -3.56 1.25
N ARG A 342 -16.17 -4.65 0.95
CA ARG A 342 -17.58 -4.75 1.32
C ARG A 342 -17.78 -4.65 2.84
N ASN A 343 -16.94 -5.35 3.60
CA ASN A 343 -17.00 -5.32 5.06
C ASN A 343 -16.63 -3.97 5.66
N MET A 344 -15.90 -3.16 4.90
CA MET A 344 -15.52 -1.81 5.31
C MET A 344 -16.59 -0.76 4.99
N GLY A 345 -17.59 -1.13 4.19
CA GLY A 345 -18.70 -0.26 3.86
C GLY A 345 -18.87 0.08 2.39
N MET A 346 -17.98 -0.42 1.54
CA MET A 346 -18.07 -0.20 0.09
C MET A 346 -18.86 -1.36 -0.50
N THR A 347 -20.18 -1.20 -0.59
CA THR A 347 -21.08 -2.30 -0.96
C THR A 347 -21.72 -2.15 -2.34
N THR A 348 -22.29 -0.97 -2.60
CA THR A 348 -23.10 -0.76 -3.81
C THR A 348 -22.31 -0.97 -5.11
N ALA A 349 -21.03 -0.62 -5.09
CA ALA A 349 -20.16 -0.76 -6.28
C ALA A 349 -20.04 -2.20 -6.77
N PHE A 350 -20.25 -3.16 -5.86
CA PHE A 350 -20.13 -4.58 -6.21
C PHE A 350 -21.48 -5.23 -6.53
N THR A 351 -22.55 -4.43 -6.61
CA THR A 351 -23.90 -4.95 -6.85
C THR A 351 -24.44 -4.53 -8.21
N THR A 352 -25.59 -5.11 -8.57
CA THR A 352 -26.30 -4.74 -9.80
C THR A 352 -26.94 -3.36 -9.71
N ASN A 353 -26.84 -2.72 -8.55
CA ASN A 353 -27.28 -1.34 -8.36
C ASN A 353 -26.14 -0.32 -8.47
N ALA A 354 -24.93 -0.80 -8.79
CA ALA A 354 -23.78 0.09 -8.96
C ALA A 354 -24.06 1.14 -10.02
N ASP A 355 -23.56 2.36 -9.78
CA ASP A 355 -23.73 3.46 -10.71
C ASP A 355 -22.38 4.08 -11.03
N PHE A 356 -21.89 3.82 -12.25
CA PHE A 356 -20.63 4.37 -12.72
C PHE A 356 -20.86 5.23 -13.96
N ARG A 357 -21.91 6.05 -13.91
CA ARG A 357 -22.30 6.89 -15.04
C ARG A 357 -21.41 8.12 -15.22
N GLY A 358 -20.36 8.24 -14.40
CA GLY A 358 -19.29 9.19 -14.64
C GLY A 358 -18.42 8.81 -15.83
N MET A 359 -18.41 7.52 -16.20
CA MET A 359 -17.61 7.05 -17.34
C MET A 359 -18.46 6.49 -18.49
N THR A 360 -19.78 6.47 -18.33
CA THR A 360 -20.68 5.91 -19.35
C THR A 360 -22.10 6.43 -19.18
N ASP A 361 -22.91 6.29 -20.21
CA ASP A 361 -24.31 6.72 -20.17
C ASP A 361 -25.26 5.60 -19.78
N LYS A 362 -24.75 4.36 -19.71
CA LYS A 362 -25.56 3.21 -19.31
C LYS A 362 -25.19 2.74 -17.91
N LYS A 363 -26.20 2.34 -17.15
CA LYS A 363 -25.99 1.81 -15.80
C LYS A 363 -25.86 0.28 -15.87
N ASP A 364 -24.81 -0.17 -16.54
CA ASP A 364 -24.60 -1.59 -16.81
C ASP A 364 -23.21 -2.08 -16.40
N LEU A 365 -22.59 -1.38 -15.45
CA LEU A 365 -21.24 -1.73 -14.97
C LEU A 365 -21.23 -1.88 -13.46
N ALA A 366 -20.50 -2.89 -12.99
CA ALA A 366 -20.26 -3.07 -11.56
C ALA A 366 -18.89 -3.68 -11.35
N ILE A 367 -18.31 -3.48 -10.17
CA ILE A 367 -17.00 -4.05 -9.87
C ILE A 367 -17.17 -5.53 -9.53
N SER A 368 -16.42 -6.39 -10.22
CA SER A 368 -16.44 -7.83 -9.96
C SER A 368 -15.35 -8.22 -8.98
N LYS A 369 -14.14 -7.72 -9.19
CA LYS A 369 -13.00 -8.02 -8.33
C LYS A 369 -12.09 -6.81 -8.14
N VAL A 370 -11.36 -6.80 -7.03
CA VAL A 370 -10.27 -5.85 -6.81
C VAL A 370 -9.03 -6.65 -6.42
N ILE A 371 -8.18 -6.95 -7.40
CA ILE A 371 -7.00 -7.77 -7.16
C ILE A 371 -5.85 -6.89 -6.69
N HIS A 372 -5.27 -7.24 -5.55
CA HIS A 372 -4.08 -6.57 -5.07
C HIS A 372 -2.96 -7.58 -4.84
N GLN A 373 -1.78 -7.28 -5.38
CA GLN A 373 -0.61 -8.13 -5.24
C GLN A 373 0.59 -7.28 -4.84
N SER A 374 1.36 -7.78 -3.89
CA SER A 374 2.45 -7.01 -3.29
C SER A 374 3.73 -7.83 -3.15
N PHE A 375 4.84 -7.11 -2.96
CA PHE A 375 6.15 -7.73 -2.79
C PHE A 375 7.07 -6.75 -2.06
N VAL A 376 7.85 -7.28 -1.13
CA VAL A 376 8.92 -6.50 -0.50
C VAL A 376 10.08 -7.42 -0.16
N ALA A 377 11.30 -6.90 -0.32
CA ALA A 377 12.51 -7.60 0.10
C ALA A 377 13.41 -6.62 0.83
N VAL A 378 13.73 -6.96 2.09
CA VAL A 378 14.60 -6.15 2.94
C VAL A 378 15.91 -6.89 3.15
N ASP A 379 17.02 -6.24 2.84
CA ASP A 379 18.36 -6.84 3.01
C ASP A 379 19.36 -5.78 3.47
N GLU A 380 20.64 -6.14 3.51
CA GLU A 380 21.69 -5.25 4.02
C GLU A 380 21.84 -3.96 3.21
N LYS A 381 21.59 -4.04 1.90
CA LYS A 381 21.78 -2.91 1.00
C LYS A 381 20.61 -1.93 1.07
N GLY A 382 19.40 -2.44 1.26
CA GLY A 382 18.21 -1.58 1.29
C GLY A 382 16.91 -2.34 1.21
N THR A 383 16.00 -1.84 0.39
CA THR A 383 14.68 -2.45 0.24
C THR A 383 14.19 -2.32 -1.19
N GLU A 384 13.57 -3.39 -1.69
CA GLU A 384 12.84 -3.37 -2.96
C GLU A 384 11.39 -3.69 -2.63
N ALA A 385 10.47 -2.84 -3.09
CA ALA A 385 9.05 -3.02 -2.83
C ALA A 385 8.23 -2.72 -4.06
N ALA A 386 7.13 -3.43 -4.22
CA ALA A 386 6.34 -3.30 -5.42
C ALA A 386 4.91 -3.78 -5.18
N ALA A 387 3.98 -3.26 -5.97
CA ALA A 387 2.59 -3.68 -5.86
C ALA A 387 1.81 -3.28 -7.10
N ALA A 388 0.66 -3.94 -7.29
CA ALA A 388 -0.29 -3.54 -8.31
C ALA A 388 -1.70 -3.77 -7.81
N THR A 389 -2.64 -2.96 -8.30
CA THR A 389 -4.05 -3.10 -7.97
C THR A 389 -4.85 -3.05 -9.26
N ALA A 390 -5.70 -4.04 -9.47
CA ALA A 390 -6.54 -4.13 -10.66
C ALA A 390 -8.01 -4.15 -10.26
N VAL A 391 -8.73 -3.09 -10.60
CA VAL A 391 -10.17 -3.03 -10.38
C VAL A 391 -10.86 -3.56 -11.64
N ILE A 392 -11.51 -4.72 -11.51
CA ILE A 392 -12.12 -5.39 -12.65
C ILE A 392 -13.61 -5.13 -12.68
N ILE A 393 -14.07 -4.53 -13.79
CA ILE A 393 -15.44 -4.06 -13.94
C ILE A 393 -16.14 -4.82 -15.07
N SER A 394 -17.37 -5.26 -14.83
CA SER A 394 -18.12 -6.04 -15.81
C SER A 394 -19.60 -5.65 -15.82
N HIS B 1 24.82 5.86 26.85
CA HIS B 1 24.65 4.39 26.63
C HIS B 1 24.15 4.09 25.22
N VAL B 2 24.04 2.80 24.91
CA VAL B 2 23.53 2.35 23.61
C VAL B 2 22.18 1.66 23.81
N LEU B 3 21.15 2.18 23.13
CA LEU B 3 19.80 1.65 23.23
C LEU B 3 19.67 0.36 22.42
N LYS B 4 19.14 -0.68 23.05
CA LYS B 4 18.89 -1.94 22.35
C LYS B 4 17.59 -1.86 21.56
N PHE B 5 17.69 -1.98 20.24
CA PHE B 5 16.51 -2.07 19.38
C PHE B 5 16.59 -3.38 18.59
N LYS B 6 16.24 -4.47 19.26
CA LYS B 6 16.36 -5.80 18.67
C LYS B 6 15.01 -6.26 18.12
N VAL B 7 14.88 -6.26 16.80
CA VAL B 7 13.65 -6.67 16.14
C VAL B 7 13.64 -8.20 15.98
N ASP B 8 13.46 -8.90 17.09
CA ASP B 8 13.43 -10.36 17.11
C ASP B 8 12.05 -10.90 17.51
N HIS B 9 11.04 -10.06 17.38
CA HIS B 9 9.65 -10.46 17.62
C HIS B 9 8.73 -9.60 16.74
N PRO B 10 7.47 -10.04 16.53
CA PRO B 10 6.59 -9.39 15.56
C PRO B 10 6.52 -7.87 15.65
N PHE B 11 6.45 -7.23 14.48
CA PHE B 11 6.47 -5.78 14.39
C PHE B 11 5.63 -5.30 13.23
N HIS B 12 5.20 -4.03 13.29
CA HIS B 12 4.63 -3.35 12.14
C HIS B 12 5.72 -2.55 11.46
N PHE B 13 5.63 -2.43 10.14
CA PHE B 13 6.57 -1.62 9.38
C PHE B 13 5.85 -0.92 8.24
N PHE B 14 6.34 0.25 7.87
CA PHE B 14 5.83 0.93 6.69
C PHE B 14 6.89 1.79 6.02
N ILE B 15 6.74 1.94 4.70
CA ILE B 15 7.62 2.78 3.90
C ILE B 15 6.88 4.06 3.59
N ARG B 16 7.49 5.19 3.93
CA ARG B 16 6.84 6.49 3.82
C ARG B 16 7.63 7.41 2.90
N HIS B 17 6.91 8.15 2.07
CA HIS B 17 7.51 9.29 1.36
C HIS B 17 7.48 10.46 2.35
N ASN B 18 8.66 10.88 2.80
CA ASN B 18 8.76 11.75 3.97
C ASN B 18 8.25 13.18 3.78
N LYS B 19 8.55 13.79 2.64
CA LYS B 19 8.13 15.17 2.39
C LYS B 19 6.60 15.30 2.42
N SER B 20 5.92 14.36 1.76
CA SER B 20 4.45 14.34 1.69
C SER B 20 3.81 13.60 2.87
N LYS B 21 4.61 12.80 3.57
CA LYS B 21 4.14 11.95 4.66
C LYS B 21 3.09 10.94 4.18
N THR B 22 3.30 10.41 2.98
CA THR B 22 2.40 9.43 2.38
C THR B 22 2.94 8.02 2.63
N ILE B 23 2.11 7.16 3.22
CA ILE B 23 2.47 5.75 3.39
C ILE B 23 2.30 5.04 2.05
N LEU B 24 3.39 4.49 1.54
CA LEU B 24 3.38 3.78 0.25
C LEU B 24 3.20 2.28 0.43
N PHE B 25 3.77 1.73 1.49
CA PHE B 25 3.62 0.32 1.82
C PHE B 25 3.46 0.17 3.32
N PHE B 26 2.62 -0.77 3.74
CA PHE B 26 2.41 -1.03 5.17
C PHE B 26 2.34 -2.53 5.38
N GLY B 27 2.89 -3.01 6.49
CA GLY B 27 2.82 -4.43 6.78
C GLY B 27 3.06 -4.82 8.23
N ARG B 28 2.77 -6.08 8.51
CA ARG B 28 3.13 -6.72 9.77
C ARG B 28 3.93 -7.96 9.45
N PHE B 29 5.10 -8.08 10.07
CA PHE B 29 5.91 -9.28 9.97
C PHE B 29 5.86 -9.98 11.31
N CYS B 30 5.22 -11.15 11.34
CA CYS B 30 5.15 -11.96 12.56
C CYS B 30 5.55 -13.43 12.37
N CYS B 31 5.77 -13.85 11.12
CA CYS B 31 5.97 -15.27 10.80
C CYS B 31 7.06 -15.45 9.75
N PRO B 32 8.29 -15.82 10.18
CA PRO B 32 9.38 -16.10 9.24
C PRO B 32 9.04 -17.12 8.16
N VAL B 33 9.61 -16.94 6.97
CA VAL B 33 9.40 -17.84 5.83
C VAL B 33 7.94 -17.87 5.40
#